data_2PKM
#
_entry.id   2PKM
#
_cell.length_a   71.900
_cell.length_b   71.900
_cell.length_c   110.800
_cell.angle_alpha   90.00
_cell.angle_beta   90.00
_cell.angle_gamma   120.00
#
_symmetry.space_group_name_H-M   'P 31 2 1'
#
loop_
_entity.id
_entity.type
_entity.pdbx_description
1 polymer 'Adenosine kinase'
2 non-polymer ADENOSINE
3 water water
#
_entity_poly.entity_id   1
_entity_poly.type   'polypeptide(L)'
_entity_poly.pdbx_seq_one_letter_code
;GTEDLYFQSHMTIAVTGSIATDHLMRFPGRFSEQLLPEHLHKVSLSFLVDDLVMHRGGVAGNMAFAIGVLGGEVALVGAA
GADFADYRDWLKARGVNCDHVLISETAHTARFTCTTDVDMAQIASFYPGAMSEARNIKLADVVSAIGKPELVIIGANDPE
AMFLHTEECRKLGLAFAADPSQQLARLSGEEIRRLVNGAAYLFTNDYEWDLLLSKTGWSEADVMAQIDLRVTTLGPKGVD
LVEPDGTTIHVGVVPETSQTDPTGVGDAFRAGFLTGRSAGLGLERSAQLGSLVAVLVLESTGTQEWQWDYEAAASRLAGA
YGEHAAAEIVAVLA
;
_entity_poly.pdbx_strand_id   A
#
loop_
_chem_comp.id
_chem_comp.type
_chem_comp.name
_chem_comp.formula
ADN non-polymer ADENOSINE 'C10 H13 N5 O4'
#
# COMPACT_ATOMS: atom_id res chain seq x y z
N ASP A 4 -21.38 -16.42 2.48
CA ASP A 4 -20.36 -17.18 3.25
C ASP A 4 -20.79 -17.18 4.71
N LEU A 5 -21.10 -18.35 5.22
CA LEU A 5 -21.70 -18.50 6.55
C LEU A 5 -20.66 -18.87 7.59
N TYR A 6 -19.38 -18.82 7.21
CA TYR A 6 -18.28 -19.05 8.12
C TYR A 6 -18.15 -17.89 9.11
N PHE A 7 -17.53 -18.15 10.26
CA PHE A 7 -17.44 -17.15 11.33
C PHE A 7 -16.55 -15.95 10.99
N GLN A 8 -16.87 -14.82 11.61
CA GLN A 8 -16.18 -13.56 11.32
C GLN A 8 -15.00 -13.30 12.26
N SER A 9 -14.03 -12.52 11.78
CA SER A 9 -12.94 -11.94 12.58
C SER A 9 -11.93 -11.26 11.67
N THR A 12 -10.76 -8.61 11.46
CA THR A 12 -9.33 -8.50 11.06
C THR A 12 -9.23 -7.96 9.61
N ILE A 13 -8.12 -7.28 9.31
CA ILE A 13 -7.73 -6.99 7.94
C ILE A 13 -6.64 -7.99 7.55
N ALA A 14 -6.83 -8.69 6.43
CA ALA A 14 -5.77 -9.55 5.87
C ALA A 14 -5.07 -8.75 4.79
N VAL A 15 -3.74 -8.62 4.94
CA VAL A 15 -2.94 -7.87 3.98
C VAL A 15 -2.15 -8.86 3.13
N THR A 16 -2.51 -8.95 1.84
CA THR A 16 -1.71 -9.74 0.90
C THR A 16 -0.85 -8.82 0.05
N GLY A 17 0.33 -9.30 -0.32
CA GLY A 17 1.26 -8.49 -1.09
C GLY A 17 2.70 -8.82 -0.75
N SER A 18 3.60 -7.99 -1.20
CA SER A 18 4.98 -8.42 -1.10
C SER A 18 5.57 -8.22 0.31
N ILE A 19 6.55 -9.02 0.58
CA ILE A 19 7.44 -8.97 1.76
C ILE A 19 8.86 -8.84 1.24
N ALA A 20 9.53 -7.75 1.50
CA ALA A 20 10.91 -7.63 0.89
C ALA A 20 11.92 -6.94 1.75
N THR A 21 13.17 -6.96 1.26
CA THR A 21 14.21 -6.06 1.76
C THR A 21 14.38 -4.94 0.74
N ASP A 22 14.31 -3.69 1.21
CA ASP A 22 14.40 -2.51 0.36
C ASP A 22 15.81 -1.94 0.44
N HIS A 23 16.42 -1.69 -0.71
CA HIS A 23 17.68 -0.95 -0.80
C HIS A 23 17.34 0.42 -1.39
N LEU A 24 17.37 1.44 -0.54
CA LEU A 24 16.97 2.78 -0.96
C LEU A 24 18.20 3.68 -1.15
N MET A 25 18.27 4.31 -2.30
CA MET A 25 19.38 5.19 -2.69
C MET A 25 18.86 6.55 -3.10
N ARG A 26 19.73 7.56 -3.00
CA ARG A 26 19.36 8.92 -3.40
C ARG A 26 20.24 9.42 -4.54
N PHE A 27 19.59 9.89 -5.60
CA PHE A 27 20.24 10.59 -6.70
C PHE A 27 20.18 12.11 -6.43
N PRO A 28 21.33 12.77 -6.20
CA PRO A 28 21.27 14.22 -5.90
C PRO A 28 21.11 15.08 -7.17
N GLY A 29 20.12 14.73 -7.98
CA GLY A 29 19.79 15.45 -9.20
C GLY A 29 18.34 15.19 -9.52
N ARG A 30 17.95 15.51 -10.74
CA ARG A 30 16.55 15.42 -11.15
C ARG A 30 16.43 14.46 -12.30
N PHE A 31 15.58 13.44 -12.16
CA PHE A 31 15.35 12.45 -13.21
C PHE A 31 14.78 13.10 -14.48
N SER A 32 13.81 13.99 -14.29
CA SER A 32 13.12 14.65 -15.42
C SER A 32 14.13 15.36 -16.31
N GLU A 33 15.07 16.05 -15.67
CA GLU A 33 16.14 16.79 -16.33
C GLU A 33 17.02 15.90 -17.22
N GLN A 34 17.04 14.61 -16.91
CA GLN A 34 17.83 13.64 -17.67
C GLN A 34 16.98 12.88 -18.69
N LEU A 35 15.66 12.97 -18.51
CA LEU A 35 14.69 12.26 -19.37
C LEU A 35 14.32 13.05 -20.63
N LEU A 36 15.05 12.81 -21.71
CA LEU A 36 14.78 13.48 -22.99
C LEU A 36 13.65 12.76 -23.73
N PRO A 37 12.57 13.45 -24.05
CA PRO A 37 11.39 13.03 -24.77
C PRO A 37 11.52 12.68 -26.22
N GLU A 38 12.73 12.63 -26.75
CA GLU A 38 12.87 12.03 -28.10
C GLU A 38 13.27 10.58 -27.90
N HIS A 39 14.23 10.50 -27.02
CA HIS A 39 14.94 9.31 -26.52
C HIS A 39 14.08 8.39 -25.59
N LEU A 40 12.94 8.81 -25.11
CA LEU A 40 11.91 7.98 -24.43
C LEU A 40 11.43 6.77 -25.19
N HIS A 41 11.67 6.69 -26.47
CA HIS A 41 11.41 5.39 -27.17
C HIS A 41 12.25 4.31 -26.49
N LYS A 42 13.50 4.69 -26.26
CA LYS A 42 14.52 3.81 -25.67
C LYS A 42 15.41 4.53 -24.69
N VAL A 43 15.11 4.47 -23.40
CA VAL A 43 15.96 5.19 -22.44
C VAL A 43 17.37 4.59 -22.33
N SER A 44 18.41 5.31 -21.78
CA SER A 44 19.77 4.87 -21.49
C SER A 44 20.24 5.66 -20.28
N LEU A 45 19.74 5.28 -19.11
CA LEU A 45 19.89 6.08 -17.89
C LEU A 45 20.74 5.36 -16.84
N SER A 46 21.69 6.08 -16.25
CA SER A 46 22.45 5.55 -15.11
C SER A 46 22.80 6.65 -14.12
N PHE A 47 22.30 6.50 -12.90
CA PHE A 47 22.38 7.53 -11.88
C PHE A 47 23.40 7.19 -10.82
N LEU A 48 24.42 8.04 -10.71
CA LEU A 48 25.38 7.96 -9.61
C LEU A 48 24.72 8.45 -8.34
N VAL A 49 24.59 7.52 -7.40
CA VAL A 49 23.88 7.81 -6.17
C VAL A 49 24.84 8.17 -5.03
N ASP A 50 24.25 8.77 -3.99
CA ASP A 50 24.94 9.41 -2.87
C ASP A 50 24.93 8.57 -1.63
N ASP A 51 24.02 7.61 -1.62
CA ASP A 51 23.58 7.02 -0.39
C ASP A 51 22.96 5.68 -0.76
N LEU A 52 23.12 4.70 0.12
CA LEU A 52 22.50 3.39 -0.04
C LEU A 52 22.20 2.87 1.35
N VAL A 53 20.94 2.53 1.59
CA VAL A 53 20.53 2.09 2.91
C VAL A 53 19.44 1.02 2.79
N MET A 54 19.47 0.06 3.71
CA MET A 54 18.56 -1.08 3.67
C MET A 54 17.52 -1.03 4.79
N HIS A 55 16.27 -1.32 4.43
CA HIS A 55 15.15 -1.27 5.38
C HIS A 55 14.19 -2.41 5.10
N ARG A 56 13.37 -2.76 6.09
CA ARG A 56 12.28 -3.72 5.89
C ARG A 56 11.24 -3.14 4.94
N GLY A 57 10.73 -3.96 4.03
CA GLY A 57 9.77 -3.48 3.05
C GLY A 57 8.83 -4.53 2.49
N GLY A 58 8.31 -4.27 1.30
CA GLY A 58 7.18 -5.04 0.76
C GLY A 58 5.91 -4.29 1.09
N VAL A 59 5.00 -4.20 0.12
CA VAL A 59 3.74 -3.46 0.35
C VAL A 59 2.94 -4.05 1.51
N ALA A 60 2.85 -5.39 1.56
CA ALA A 60 2.12 -6.07 2.63
C ALA A 60 2.79 -5.91 3.98
N GLY A 61 4.13 -6.08 4.03
CA GLY A 61 4.92 -5.77 5.23
C GLY A 61 4.64 -4.36 5.76
N ASN A 62 4.73 -3.36 4.88
CA ASN A 62 4.50 -1.95 5.20
C ASN A 62 3.07 -1.66 5.71
N MET A 63 2.06 -2.13 4.96
CA MET A 63 0.67 -1.96 5.36
C MET A 63 0.35 -2.69 6.67
N ALA A 64 0.78 -3.95 6.78
CA ALA A 64 0.52 -4.72 8.00
C ALA A 64 1.17 -4.05 9.23
N PHE A 65 2.43 -3.62 9.07
CA PHE A 65 3.13 -2.87 10.10
C PHE A 65 2.32 -1.67 10.61
N ALA A 66 1.87 -0.80 9.70
CA ALA A 66 1.15 0.42 10.07
C ALA A 66 -0.20 0.17 10.75
N ILE A 67 -0.93 -0.84 10.27
CA ILE A 67 -2.18 -1.23 10.90
C ILE A 67 -1.92 -1.70 12.33
N GLY A 68 -0.83 -2.44 12.50
CA GLY A 68 -0.41 -2.91 13.81
C GLY A 68 -0.04 -1.78 14.75
N VAL A 69 0.81 -0.87 14.29
CA VAL A 69 1.17 0.34 15.05
C VAL A 69 -0.08 1.06 15.54
N LEU A 70 -1.02 1.26 14.63
CA LEU A 70 -2.28 1.95 14.92
C LEU A 70 -3.25 1.15 15.82
N GLY A 71 -2.87 -0.08 16.16
CA GLY A 71 -3.61 -0.89 17.13
C GLY A 71 -4.64 -1.81 16.49
N GLY A 72 -4.64 -1.87 15.16
CA GLY A 72 -5.55 -2.73 14.40
C GLY A 72 -5.18 -4.21 14.48
N GLU A 73 -6.18 -5.06 14.31
CA GLU A 73 -5.97 -6.49 14.21
C GLU A 73 -5.64 -6.80 12.74
N VAL A 74 -4.52 -7.47 12.51
CA VAL A 74 -4.02 -7.59 11.12
C VAL A 74 -3.23 -8.88 10.89
N ALA A 75 -3.49 -9.51 9.75
CA ALA A 75 -2.77 -10.72 9.39
C ALA A 75 -2.01 -10.46 8.09
N LEU A 76 -0.73 -10.81 8.12
CA LEU A 76 0.13 -10.65 6.96
C LEU A 76 0.16 -11.93 6.16
N VAL A 77 -0.16 -11.84 4.87
CA VAL A 77 -0.25 -13.04 4.01
C VAL A 77 0.60 -12.82 2.77
N GLY A 78 1.74 -13.50 2.73
CA GLY A 78 2.68 -13.35 1.59
C GLY A 78 3.78 -14.38 1.71
N ALA A 79 4.71 -14.39 0.76
CA ALA A 79 5.78 -15.38 0.72
C ALA A 79 7.14 -14.70 0.92
N ALA A 80 7.96 -15.31 1.76
CA ALA A 80 9.29 -14.82 2.15
C ALA A 80 10.32 -15.94 2.12
N GLY A 81 11.61 -15.60 2.18
CA GLY A 81 12.65 -16.60 2.27
C GLY A 81 12.84 -17.10 3.68
N ALA A 82 13.75 -18.08 3.86
CA ALA A 82 14.06 -18.62 5.19
C ALA A 82 14.56 -17.52 6.11
N ASP A 83 15.17 -16.50 5.52
CA ASP A 83 15.64 -15.34 6.27
C ASP A 83 14.54 -14.59 7.04
N PHE A 84 13.27 -14.98 6.87
CA PHE A 84 12.12 -14.22 7.42
C PHE A 84 12.02 -14.11 8.94
N ALA A 85 12.64 -15.03 9.67
CA ALA A 85 12.49 -15.08 11.13
C ALA A 85 12.70 -13.73 11.84
N ASP A 86 13.72 -12.99 11.42
CA ASP A 86 14.03 -11.69 12.07
C ASP A 86 12.99 -10.61 11.76
N TYR A 87 12.59 -10.54 10.49
CA TYR A 87 11.55 -9.62 10.03
C TYR A 87 10.23 -9.95 10.74
N ARG A 88 9.91 -11.24 10.86
CA ARG A 88 8.76 -11.69 11.64
C ARG A 88 8.72 -11.09 13.06
N ASP A 89 9.85 -11.12 13.74
CA ASP A 89 9.93 -10.61 15.12
C ASP A 89 9.65 -9.12 15.14
N TRP A 90 10.17 -8.41 14.15
CA TRP A 90 9.95 -6.98 14.00
C TRP A 90 8.46 -6.66 13.80
N LEU A 91 7.79 -7.44 12.94
CA LEU A 91 6.35 -7.27 12.73
C LEU A 91 5.50 -7.63 13.95
N LYS A 92 5.81 -8.77 14.57
CA LYS A 92 5.09 -9.28 15.76
C LYS A 92 5.13 -8.28 16.91
N ALA A 93 6.25 -7.59 17.03
CA ALA A 93 6.42 -6.54 18.04
C ALA A 93 5.40 -5.42 17.89
N ARG A 94 4.87 -5.22 16.67
CA ARG A 94 3.79 -4.25 16.51
C ARG A 94 2.41 -4.89 16.35
N GLY A 95 2.30 -6.15 16.77
CA GLY A 95 1.01 -6.84 16.81
C GLY A 95 0.54 -7.49 15.50
N VAL A 96 1.46 -7.65 14.55
CA VAL A 96 1.13 -8.29 13.26
C VAL A 96 1.11 -9.82 13.39
N ASN A 97 0.00 -10.43 12.98
CA ASN A 97 -0.11 -11.90 12.87
C ASN A 97 0.64 -12.38 11.63
N CYS A 98 1.71 -13.13 11.86
CA CYS A 98 2.59 -13.60 10.77
C CYS A 98 2.45 -15.11 10.51
N ASP A 99 1.41 -15.71 11.10
CA ASP A 99 1.21 -17.16 11.03
C ASP A 99 1.06 -17.68 9.59
N HIS A 100 0.48 -16.85 8.74
CA HIS A 100 0.15 -17.26 7.37
C HIS A 100 1.14 -16.78 6.33
N VAL A 101 2.33 -16.38 6.80
CA VAL A 101 3.45 -16.14 5.87
C VAL A 101 4.02 -17.46 5.39
N LEU A 102 4.08 -17.65 4.08
CA LEU A 102 4.71 -18.82 3.48
C LEU A 102 6.23 -18.63 3.42
N ILE A 103 6.98 -19.57 4.00
CA ILE A 103 8.43 -19.47 4.03
C ILE A 103 9.01 -20.42 3.01
N SER A 104 9.72 -19.87 2.02
CA SER A 104 10.27 -20.70 0.97
C SER A 104 11.36 -21.61 1.49
N GLU A 105 11.38 -22.85 1.01
CA GLU A 105 12.45 -23.79 1.33
C GLU A 105 13.75 -23.43 0.61
N THR A 106 13.65 -22.76 -0.54
CA THR A 106 14.82 -22.59 -1.42
C THR A 106 15.12 -21.16 -1.84
N ALA A 107 14.09 -20.31 -1.88
CA ALA A 107 14.25 -18.97 -2.46
C ALA A 107 14.46 -17.87 -1.42
N HIS A 108 15.08 -16.78 -1.86
CA HIS A 108 15.45 -15.65 -1.04
C HIS A 108 14.29 -14.65 -0.97
N THR A 109 14.16 -13.98 0.16
CA THR A 109 13.21 -12.85 0.27
C THR A 109 13.46 -11.83 -0.83
N ALA A 110 12.39 -11.31 -1.41
CA ALA A 110 12.43 -10.36 -2.52
C ALA A 110 13.32 -9.15 -2.21
N ARG A 111 13.91 -8.60 -3.26
CA ARG A 111 14.76 -7.41 -3.16
C ARG A 111 14.27 -6.25 -4.04
N PHE A 112 14.02 -5.13 -3.38
CA PHE A 112 13.62 -3.87 -3.98
C PHE A 112 14.86 -2.96 -4.01
N THR A 113 15.17 -2.42 -5.18
CA THR A 113 16.29 -1.49 -5.35
C THR A 113 15.74 -0.21 -5.96
N CYS A 114 15.75 0.85 -5.16
CA CYS A 114 15.06 2.07 -5.50
C CYS A 114 15.98 3.29 -5.46
N THR A 115 15.86 4.14 -6.48
CA THR A 115 16.58 5.41 -6.48
C THR A 115 15.56 6.56 -6.48
N THR A 116 15.73 7.48 -5.53
CA THR A 116 14.89 8.67 -5.36
C THR A 116 15.69 9.93 -5.69
N ASP A 117 15.08 10.83 -6.45
CA ASP A 117 15.76 12.04 -6.86
C ASP A 117 15.36 13.22 -5.99
N VAL A 118 15.82 14.41 -6.37
CA VAL A 118 15.60 15.61 -5.54
C VAL A 118 14.13 16.04 -5.52
N ASP A 119 13.34 15.58 -6.49
CA ASP A 119 11.90 15.89 -6.55
C ASP A 119 11.00 14.77 -6.07
N MET A 120 11.58 13.81 -5.33
CA MET A 120 10.86 12.63 -4.84
C MET A 120 10.31 11.71 -5.92
N ALA A 121 10.80 11.84 -7.15
CA ALA A 121 10.52 10.86 -8.18
C ALA A 121 11.26 9.57 -7.80
N GLN A 122 10.77 8.43 -8.26
CA GLN A 122 11.37 7.13 -7.91
C GLN A 122 11.45 6.20 -9.10
N ILE A 123 12.61 5.55 -9.24
CA ILE A 123 12.83 4.56 -10.27
C ILE A 123 13.44 3.34 -9.57
N ALA A 124 12.82 2.19 -9.80
CA ALA A 124 13.13 0.99 -9.03
C ALA A 124 12.98 -0.34 -9.78
N SER A 125 13.74 -1.33 -9.32
CA SER A 125 13.63 -2.71 -9.75
C SER A 125 13.16 -3.54 -8.56
N PHE A 126 12.45 -4.61 -8.84
CA PHE A 126 12.00 -5.54 -7.79
C PHE A 126 12.30 -6.95 -8.27
N TYR A 127 13.14 -7.64 -7.52
CA TYR A 127 13.50 -9.02 -7.76
C TYR A 127 12.65 -9.92 -6.88
N PRO A 128 11.74 -10.72 -7.47
CA PRO A 128 10.74 -11.45 -6.66
C PRO A 128 11.29 -12.48 -5.68
N GLY A 129 12.26 -13.30 -6.10
CA GLY A 129 12.71 -14.41 -5.27
C GLY A 129 11.52 -15.20 -4.71
N ALA A 130 11.50 -15.37 -3.38
CA ALA A 130 10.42 -16.12 -2.72
C ALA A 130 9.00 -15.58 -2.97
N MET A 131 8.87 -14.30 -3.33
CA MET A 131 7.53 -13.74 -3.58
C MET A 131 6.77 -14.57 -4.60
N SER A 132 7.48 -15.19 -5.55
CA SER A 132 6.84 -15.92 -6.64
C SER A 132 5.99 -17.08 -6.13
N GLU A 133 6.34 -17.58 -4.96
CA GLU A 133 5.62 -18.68 -4.31
C GLU A 133 4.31 -18.26 -3.64
N ALA A 134 4.01 -16.97 -3.63
CA ALA A 134 2.72 -16.52 -3.06
C ALA A 134 1.53 -17.12 -3.81
N ARG A 135 1.72 -17.46 -5.07
CA ARG A 135 0.69 -18.14 -5.85
C ARG A 135 0.26 -19.49 -5.23
N ASN A 136 1.07 -20.04 -4.34
CA ASN A 136 0.75 -21.28 -3.67
C ASN A 136 -0.01 -21.11 -2.34
N ILE A 137 -0.18 -19.86 -1.91
CA ILE A 137 -0.95 -19.58 -0.69
C ILE A 137 -2.44 -19.64 -1.03
N LYS A 138 -3.20 -20.32 -0.18
CA LYS A 138 -4.66 -20.34 -0.28
C LYS A 138 -5.27 -19.49 0.83
N LEU A 139 -5.97 -18.42 0.45
CA LEU A 139 -6.70 -17.61 1.43
C LEU A 139 -7.76 -18.42 2.17
N ALA A 140 -8.31 -19.43 1.50
CA ALA A 140 -9.27 -20.35 2.15
C ALA A 140 -8.71 -20.93 3.43
N ASP A 141 -7.42 -21.26 3.45
CA ASP A 141 -6.75 -21.80 4.66
C ASP A 141 -6.57 -20.75 5.74
N VAL A 142 -6.31 -19.51 5.34
CA VAL A 142 -6.21 -18.38 6.27
C VAL A 142 -7.57 -18.13 6.94
N VAL A 143 -8.62 -18.08 6.13
CA VAL A 143 -9.98 -17.86 6.60
C VAL A 143 -10.39 -19.00 7.54
N SER A 144 -10.04 -20.23 7.17
CA SER A 144 -10.31 -21.39 8.01
C SER A 144 -9.78 -21.17 9.43
N ALA A 145 -8.53 -20.71 9.54
CA ALA A 145 -7.87 -20.55 10.85
C ALA A 145 -8.31 -19.33 11.66
N ILE A 146 -8.51 -18.18 11.02
CA ILE A 146 -8.78 -16.95 11.76
C ILE A 146 -10.20 -16.39 11.58
N GLY A 147 -11.00 -17.04 10.75
CA GLY A 147 -12.32 -16.51 10.37
C GLY A 147 -12.26 -15.53 9.21
N LYS A 148 -13.43 -15.10 8.74
CA LYS A 148 -13.52 -14.14 7.65
C LYS A 148 -13.03 -12.76 8.12
N PRO A 149 -12.03 -12.19 7.43
CA PRO A 149 -11.63 -10.82 7.75
C PRO A 149 -12.67 -9.84 7.26
N GLU A 150 -12.76 -8.66 7.87
CA GLU A 150 -13.66 -7.65 7.29
C GLU A 150 -13.19 -7.16 5.93
N LEU A 151 -11.88 -7.23 5.68
CA LEU A 151 -11.30 -6.79 4.41
C LEU A 151 -9.99 -7.51 4.07
N VAL A 152 -9.83 -7.85 2.79
CA VAL A 152 -8.55 -8.37 2.28
C VAL A 152 -7.96 -7.30 1.35
N ILE A 153 -6.72 -6.91 1.61
CA ILE A 153 -6.03 -6.01 0.71
C ILE A 153 -5.22 -6.85 -0.26
N ILE A 154 -5.45 -6.63 -1.56
CA ILE A 154 -4.70 -7.27 -2.64
C ILE A 154 -3.62 -6.31 -3.14
N GLY A 155 -2.50 -6.29 -2.44
CA GLY A 155 -1.40 -5.42 -2.81
C GLY A 155 -0.51 -6.02 -3.87
N ALA A 156 0.40 -5.21 -4.40
CA ALA A 156 1.38 -5.72 -5.37
C ALA A 156 2.08 -6.98 -4.82
N ASN A 157 2.13 -8.01 -5.66
CA ASN A 157 2.57 -9.33 -5.26
C ASN A 157 3.04 -10.08 -6.53
N ASP A 158 3.39 -11.35 -6.38
CA ASP A 158 3.47 -12.23 -7.55
C ASP A 158 2.25 -12.00 -8.44
N PRO A 159 2.46 -11.62 -9.72
CA PRO A 159 1.33 -11.31 -10.60
C PRO A 159 0.22 -12.38 -10.56
N GLU A 160 0.57 -13.65 -10.71
CA GLU A 160 -0.44 -14.74 -10.63
C GLU A 160 -1.17 -14.77 -9.27
N ALA A 161 -0.41 -14.66 -8.17
CA ALA A 161 -1.03 -14.57 -6.83
C ALA A 161 -2.05 -13.45 -6.73
N MET A 162 -1.77 -12.28 -7.33
CA MET A 162 -2.70 -11.13 -7.22
C MET A 162 -4.09 -11.55 -7.73
N PHE A 163 -4.11 -12.25 -8.85
CA PHE A 163 -5.37 -12.71 -9.42
C PHE A 163 -5.99 -13.87 -8.62
N LEU A 164 -5.18 -14.86 -8.24
CA LEU A 164 -5.69 -16.00 -7.48
C LEU A 164 -6.28 -15.54 -6.16
N HIS A 165 -5.64 -14.57 -5.50
CA HIS A 165 -6.15 -14.03 -4.24
C HIS A 165 -7.46 -13.31 -4.46
N THR A 166 -7.56 -12.58 -5.58
CA THR A 166 -8.76 -11.80 -5.86
C THR A 166 -9.91 -12.79 -6.13
N GLU A 167 -9.65 -13.80 -6.95
CA GLU A 167 -10.65 -14.86 -7.25
C GLU A 167 -11.12 -15.55 -5.97
N GLU A 168 -10.20 -15.83 -5.04
CA GLU A 168 -10.55 -16.47 -3.80
C GLU A 168 -11.45 -15.58 -2.95
N CYS A 169 -11.18 -14.28 -2.93
CA CYS A 169 -12.04 -13.32 -2.24
C CYS A 169 -13.43 -13.30 -2.88
N ARG A 170 -13.45 -13.37 -4.21
CA ARG A 170 -14.70 -13.39 -4.97
C ARG A 170 -15.54 -14.61 -4.61
N LYS A 171 -14.94 -15.79 -4.60
CA LYS A 171 -15.71 -16.99 -4.28
C LYS A 171 -16.02 -17.16 -2.79
N LEU A 172 -15.13 -16.66 -1.92
CA LEU A 172 -15.37 -16.67 -0.47
C LEU A 172 -16.28 -15.53 0.01
N GLY A 173 -16.67 -14.64 -0.89
CA GLY A 173 -17.52 -13.51 -0.54
C GLY A 173 -16.86 -12.54 0.42
N LEU A 174 -15.55 -12.37 0.30
CA LEU A 174 -14.81 -11.45 1.16
C LEU A 174 -14.64 -10.10 0.48
N ALA A 175 -14.86 -9.04 1.26
CA ALA A 175 -14.62 -7.71 0.74
C ALA A 175 -13.12 -7.54 0.51
N PHE A 176 -12.77 -6.92 -0.62
CA PHE A 176 -11.36 -6.73 -0.94
C PHE A 176 -11.07 -5.34 -1.49
N ALA A 177 -9.83 -4.91 -1.24
CA ALA A 177 -9.31 -3.66 -1.76
C ALA A 177 -8.31 -4.01 -2.85
N ALA A 178 -8.59 -3.55 -4.07
CA ALA A 178 -7.67 -3.68 -5.19
C ALA A 178 -6.61 -2.59 -5.02
N ASP A 179 -5.36 -3.00 -4.83
CA ASP A 179 -4.24 -2.09 -4.59
C ASP A 179 -3.05 -2.55 -5.45
N PRO A 180 -3.22 -2.54 -6.79
CA PRO A 180 -2.21 -3.13 -7.68
C PRO A 180 -0.99 -2.23 -7.88
N SER A 181 -1.10 -0.99 -7.41
CA SER A 181 -0.08 0.06 -7.52
C SER A 181 1.23 -0.34 -8.18
N GLN A 182 2.14 -0.91 -7.37
CA GLN A 182 3.51 -1.22 -7.75
C GLN A 182 3.67 -2.21 -8.90
N GLN A 183 2.61 -2.94 -9.21
CA GLN A 183 2.69 -3.98 -10.23
C GLN A 183 2.08 -3.57 -11.58
N LEU A 184 1.48 -2.38 -11.63
CA LEU A 184 0.82 -1.93 -12.87
C LEU A 184 1.77 -1.92 -14.07
N ALA A 185 3.04 -1.61 -13.82
CA ALA A 185 4.05 -1.66 -14.88
C ALA A 185 4.25 -3.06 -15.48
N ARG A 186 4.26 -4.10 -14.64
CA ARG A 186 4.46 -5.48 -15.10
C ARG A 186 3.20 -6.14 -15.69
N LEU A 187 2.04 -5.77 -15.16
CA LEU A 187 0.78 -6.43 -15.52
C LEU A 187 0.25 -5.92 -16.87
N SER A 188 -0.18 -6.85 -17.71
CA SER A 188 -0.87 -6.54 -18.96
C SER A 188 -2.27 -5.97 -18.69
N GLY A 189 -2.87 -5.35 -19.71
CA GLY A 189 -4.21 -4.78 -19.57
C GLY A 189 -5.28 -5.80 -19.20
N GLU A 190 -5.13 -7.01 -19.73
CA GLU A 190 -6.00 -8.12 -19.36
C GLU A 190 -5.83 -8.45 -17.87
N GLU A 191 -4.58 -8.51 -17.41
CA GLU A 191 -4.23 -8.78 -16.00
C GLU A 191 -4.72 -7.75 -14.98
N ILE A 192 -4.68 -6.47 -15.34
CA ILE A 192 -5.23 -5.41 -14.49
C ILE A 192 -6.77 -5.47 -14.48
N ARG A 193 -7.37 -5.72 -15.64
CA ARG A 193 -8.84 -5.73 -15.73
C ARG A 193 -9.50 -6.73 -14.80
N ARG A 194 -8.91 -7.92 -14.67
CA ARG A 194 -9.47 -8.99 -13.86
C ARG A 194 -9.26 -8.84 -12.33
N LEU A 195 -8.67 -7.73 -11.90
CA LEU A 195 -8.41 -7.48 -10.47
C LEU A 195 -9.40 -6.49 -9.86
N VAL A 196 -10.20 -5.85 -10.72
CA VAL A 196 -10.93 -4.65 -10.34
C VAL A 196 -12.39 -4.92 -9.99
N ASN A 197 -13.07 -5.77 -10.77
CA ASN A 197 -14.51 -5.99 -10.57
C ASN A 197 -14.92 -6.39 -9.14
N GLY A 198 -15.81 -5.59 -8.55
CA GLY A 198 -16.39 -5.90 -7.24
C GLY A 198 -15.59 -5.43 -6.04
N ALA A 199 -14.52 -4.69 -6.30
CA ALA A 199 -13.67 -4.16 -5.23
C ALA A 199 -14.40 -3.13 -4.37
N ALA A 200 -14.31 -3.30 -3.06
CA ALA A 200 -14.77 -2.32 -2.09
C ALA A 200 -14.00 -1.00 -2.27
N TYR A 201 -12.69 -1.12 -2.51
CA TYR A 201 -11.82 0.02 -2.74
C TYR A 201 -10.88 -0.28 -3.87
N LEU A 202 -10.62 0.73 -4.69
CA LEU A 202 -9.50 0.70 -5.62
C LEU A 202 -8.53 1.83 -5.22
N PHE A 203 -7.32 1.46 -4.81
CA PHE A 203 -6.30 2.44 -4.41
C PHE A 203 -5.25 2.59 -5.49
N THR A 204 -4.88 3.84 -5.81
CA THR A 204 -3.71 4.15 -6.66
C THR A 204 -3.30 5.61 -6.38
N ASN A 205 -2.19 6.03 -6.96
CA ASN A 205 -1.95 7.47 -7.15
C ASN A 205 -2.39 7.89 -8.54
N ASP A 206 -2.32 9.20 -8.83
CA ASP A 206 -2.88 9.71 -10.09
C ASP A 206 -2.15 9.18 -11.32
N TYR A 207 -0.84 8.99 -11.20
CA TYR A 207 -0.03 8.42 -12.28
C TYR A 207 -0.52 7.00 -12.61
N GLU A 208 -0.60 6.19 -11.56
CA GLU A 208 -1.03 4.81 -11.66
C GLU A 208 -2.47 4.73 -12.16
N TRP A 209 -3.29 5.70 -11.76
CA TRP A 209 -4.66 5.81 -12.24
C TRP A 209 -4.68 5.97 -13.77
N ASP A 210 -3.87 6.90 -14.27
CA ASP A 210 -3.70 7.09 -15.71
C ASP A 210 -3.07 5.90 -16.41
N LEU A 211 -2.10 5.27 -15.74
CA LEU A 211 -1.48 4.05 -16.28
C LEU A 211 -2.49 2.92 -16.39
N LEU A 212 -3.29 2.73 -15.33
CA LEU A 212 -4.38 1.74 -15.31
C LEU A 212 -5.33 1.95 -16.49
N LEU A 213 -5.85 3.17 -16.64
CA LEU A 213 -6.80 3.48 -17.71
C LEU A 213 -6.16 3.41 -19.10
N SER A 214 -4.87 3.72 -19.17
CA SER A 214 -4.10 3.61 -20.40
C SER A 214 -3.99 2.16 -20.85
N LYS A 215 -3.62 1.27 -19.93
CA LYS A 215 -3.37 -0.14 -20.23
C LYS A 215 -4.65 -1.01 -20.28
N THR A 216 -5.68 -0.64 -19.52
CA THR A 216 -6.95 -1.40 -19.51
C THR A 216 -7.82 -1.13 -20.75
N GLY A 217 -7.70 0.08 -21.30
CA GLY A 217 -8.57 0.55 -22.37
C GLY A 217 -9.89 1.05 -21.79
N TRP A 218 -9.92 1.17 -20.47
CA TRP A 218 -11.10 1.60 -19.75
C TRP A 218 -11.17 3.12 -19.62
N SER A 219 -12.41 3.61 -19.57
CA SER A 219 -12.68 4.98 -19.19
C SER A 219 -12.97 4.95 -17.70
N GLU A 220 -12.90 6.11 -17.04
CA GLU A 220 -13.22 6.20 -15.62
C GLU A 220 -14.61 5.63 -15.30
N ALA A 221 -15.56 5.85 -16.20
CA ALA A 221 -16.93 5.35 -16.05
C ALA A 221 -17.00 3.83 -16.00
N ASP A 222 -16.19 3.18 -16.83
CA ASP A 222 -16.08 1.72 -16.85
C ASP A 222 -15.63 1.18 -15.50
N VAL A 223 -14.69 1.88 -14.88
CA VAL A 223 -14.14 1.48 -13.58
C VAL A 223 -15.15 1.72 -12.44
N MET A 224 -15.72 2.92 -12.39
CA MET A 224 -16.64 3.27 -11.28
C MET A 224 -17.87 2.35 -11.19
N ALA A 225 -18.25 1.78 -12.33
CA ALA A 225 -19.36 0.82 -12.42
C ALA A 225 -19.04 -0.52 -11.74
N GLN A 226 -17.75 -0.80 -11.54
CA GLN A 226 -17.32 -2.09 -10.99
C GLN A 226 -16.90 -2.03 -9.53
N ILE A 227 -16.70 -0.82 -8.99
CA ILE A 227 -16.14 -0.66 -7.63
C ILE A 227 -17.02 0.18 -6.71
N ASP A 228 -16.83 0.02 -5.39
CA ASP A 228 -17.60 0.80 -4.43
C ASP A 228 -17.00 2.16 -4.16
N LEU A 229 -15.67 2.26 -4.27
CA LEU A 229 -14.95 3.50 -4.04
C LEU A 229 -13.61 3.52 -4.76
N ARG A 230 -13.32 4.63 -5.45
CA ARG A 230 -11.98 4.91 -5.95
C ARG A 230 -11.22 5.86 -5.03
N VAL A 231 -10.06 5.42 -4.56
CA VAL A 231 -9.19 6.29 -3.77
C VAL A 231 -7.92 6.57 -4.58
N THR A 232 -7.74 7.85 -4.94
CA THR A 232 -6.63 8.29 -5.78
C THR A 232 -5.82 9.35 -5.05
N THR A 233 -4.65 8.97 -4.54
CA THR A 233 -3.74 9.94 -3.92
C THR A 233 -3.17 10.87 -5.00
N LEU A 234 -2.90 12.12 -4.61
CA LEU A 234 -2.57 13.17 -5.57
C LEU A 234 -1.28 13.91 -5.23
N GLY A 235 -0.34 13.21 -4.59
CA GLY A 235 0.93 13.80 -4.17
C GLY A 235 0.71 14.96 -3.20
N PRO A 236 1.18 16.17 -3.58
CA PRO A 236 1.02 17.36 -2.74
C PRO A 236 -0.42 17.88 -2.68
N LYS A 237 -1.23 17.51 -3.67
CA LYS A 237 -2.65 17.91 -3.70
C LYS A 237 -3.58 16.95 -2.94
N GLY A 238 -3.02 16.12 -2.06
CA GLY A 238 -3.80 15.31 -1.13
C GLY A 238 -4.33 13.99 -1.65
N VAL A 239 -5.65 13.83 -1.65
CA VAL A 239 -6.33 12.59 -2.08
C VAL A 239 -7.79 12.83 -2.52
N ASP A 240 -8.20 12.18 -3.60
CA ASP A 240 -9.60 12.12 -4.03
C ASP A 240 -10.23 10.81 -3.58
N LEU A 241 -11.45 10.85 -2.98
CA LEU A 241 -12.33 9.69 -2.68
C LEU A 241 -13.54 9.77 -3.57
N VAL A 242 -13.67 8.87 -4.51
CA VAL A 242 -14.79 8.98 -5.48
C VAL A 242 -15.77 7.86 -5.21
N GLU A 243 -17.01 8.10 -5.58
CA GLU A 243 -18.09 7.14 -5.38
C GLU A 243 -18.62 6.70 -6.68
N PRO A 244 -19.39 5.67 -6.70
CA PRO A 244 -19.86 4.93 -7.88
C PRO A 244 -19.76 5.79 -9.11
N ASP A 245 -20.24 6.98 -9.10
CA ASP A 245 -20.41 7.58 -10.44
C ASP A 245 -19.71 8.96 -10.41
N GLY A 246 -19.83 9.61 -9.24
CA GLY A 246 -19.42 11.01 -9.11
C GLY A 246 -19.04 11.50 -7.75
N THR A 247 -19.85 11.32 -6.70
CA THR A 247 -19.57 12.11 -5.47
C THR A 247 -18.11 12.08 -5.14
N THR A 248 -17.46 13.25 -4.96
CA THR A 248 -16.02 13.26 -4.71
C THR A 248 -15.65 14.05 -3.45
N ILE A 249 -15.12 13.35 -2.45
CA ILE A 249 -14.54 13.97 -1.27
C ILE A 249 -13.05 14.15 -1.50
N HIS A 250 -12.53 15.34 -1.25
CA HIS A 250 -11.09 15.58 -1.35
C HIS A 250 -10.49 16.05 -0.03
N VAL A 251 -9.37 15.43 0.34
CA VAL A 251 -8.62 15.82 1.53
C VAL A 251 -7.20 16.20 1.10
N GLY A 252 -6.79 17.43 1.47
CA GLY A 252 -5.43 17.90 1.19
C GLY A 252 -4.43 17.27 2.13
N VAL A 253 -3.15 17.30 1.76
CA VAL A 253 -2.07 16.69 2.58
C VAL A 253 -1.93 17.31 3.98
N VAL A 254 -1.28 16.57 4.88
CA VAL A 254 -0.74 17.15 6.11
C VAL A 254 0.61 17.74 5.73
N PRO A 255 0.77 19.08 5.85
CA PRO A 255 2.04 19.74 5.50
C PRO A 255 3.25 19.08 6.16
N GLU A 256 4.27 18.80 5.35
CA GLU A 256 5.49 18.11 5.79
C GLU A 256 6.53 19.09 6.33
N THR A 257 7.32 18.61 7.29
CA THR A 257 8.47 19.35 7.81
C THR A 257 9.71 19.02 6.96
N SER A 258 9.70 17.84 6.35
CA SER A 258 10.77 17.41 5.46
C SER A 258 10.26 16.45 4.39
N GLN A 259 10.91 16.48 3.23
CA GLN A 259 10.71 15.47 2.20
C GLN A 259 11.94 14.57 2.23
N THR A 260 11.97 13.64 3.17
CA THR A 260 13.11 12.73 3.33
C THR A 260 13.10 11.60 2.29
N ASP A 261 12.05 10.78 2.31
CA ASP A 261 11.98 9.54 1.53
C ASP A 261 10.52 9.16 1.27
N PRO A 262 10.09 9.15 -0.01
CA PRO A 262 8.67 8.94 -0.29
C PRO A 262 8.27 7.45 -0.33
N THR A 263 9.24 6.55 -0.14
CA THR A 263 8.95 5.10 -0.20
C THR A 263 7.97 4.72 0.91
N GLY A 264 6.89 4.04 0.50
CA GLY A 264 5.93 3.53 1.47
C GLY A 264 4.89 4.55 1.93
N VAL A 265 4.93 5.75 1.36
CA VAL A 265 3.96 6.80 1.70
C VAL A 265 2.53 6.33 1.35
N GLY A 266 2.39 5.76 0.15
CA GLY A 266 1.11 5.18 -0.30
C GLY A 266 0.63 4.08 0.62
N ASP A 267 1.52 3.16 0.99
CA ASP A 267 1.16 2.06 1.89
C ASP A 267 0.64 2.58 3.23
N ALA A 268 1.31 3.60 3.75
CA ALA A 268 0.95 4.20 5.02
C ALA A 268 -0.42 4.86 4.94
N PHE A 269 -0.68 5.64 3.88
CA PHE A 269 -1.99 6.28 3.73
C PHE A 269 -3.09 5.21 3.76
N ARG A 270 -2.94 4.21 2.90
CA ARG A 270 -3.88 3.06 2.85
C ARG A 270 -4.16 2.43 4.21
N ALA A 271 -3.11 2.14 4.97
CA ALA A 271 -3.23 1.55 6.32
C ALA A 271 -4.01 2.44 7.30
N GLY A 272 -3.67 3.72 7.33
CA GLY A 272 -4.37 4.70 8.17
C GLY A 272 -5.83 4.86 7.78
N PHE A 273 -6.05 4.97 6.48
CA PHE A 273 -7.39 5.15 5.92
C PHE A 273 -8.29 3.96 6.23
N LEU A 274 -7.77 2.75 6.03
CA LEU A 274 -8.54 1.53 6.28
C LEU A 274 -8.78 1.30 7.77
N THR A 275 -7.78 1.61 8.59
CA THR A 275 -7.92 1.62 10.05
C THR A 275 -9.04 2.59 10.44
N GLY A 276 -9.03 3.79 9.87
CA GLY A 276 -10.11 4.76 10.06
C GLY A 276 -11.47 4.20 9.66
N ARG A 277 -11.53 3.58 8.48
CA ARG A 277 -12.77 3.02 7.95
C ARG A 277 -13.27 1.87 8.83
N SER A 278 -12.34 1.06 9.32
CA SER A 278 -12.65 -0.05 10.22
C SER A 278 -13.22 0.41 11.57
N ALA A 279 -12.89 1.64 11.95
CA ALA A 279 -13.30 2.22 13.23
C ALA A 279 -14.57 3.07 13.10
N GLY A 280 -15.27 2.96 11.97
CA GLY A 280 -16.52 3.67 11.77
C GLY A 280 -16.39 5.13 11.39
N LEU A 281 -15.16 5.57 11.13
CA LEU A 281 -14.95 6.93 10.63
C LEU A 281 -15.44 7.06 9.20
N GLY A 282 -15.97 8.24 8.87
CA GLY A 282 -16.39 8.54 7.51
C GLY A 282 -15.18 8.59 6.60
N LEU A 283 -15.46 8.70 5.30
CA LEU A 283 -14.42 8.72 4.28
C LEU A 283 -13.46 9.89 4.47
N GLU A 284 -14.00 11.07 4.76
CA GLU A 284 -13.19 12.26 4.95
C GLU A 284 -12.24 12.11 6.14
N ARG A 285 -12.77 11.66 7.27
CA ARG A 285 -11.98 11.52 8.50
C ARG A 285 -10.93 10.42 8.36
N SER A 286 -11.28 9.37 7.64
CA SER A 286 -10.37 8.26 7.40
C SER A 286 -9.18 8.71 6.55
N ALA A 287 -9.46 9.50 5.51
CA ALA A 287 -8.42 10.07 4.64
C ALA A 287 -7.51 11.06 5.37
N GLN A 288 -8.04 11.78 6.36
CA GLN A 288 -7.26 12.70 7.19
C GLN A 288 -6.26 11.96 8.09
N LEU A 289 -6.72 10.90 8.74
CA LEU A 289 -5.83 9.99 9.47
C LEU A 289 -4.79 9.35 8.55
N GLY A 290 -5.25 8.85 7.39
CA GLY A 290 -4.33 8.31 6.37
C GLY A 290 -3.22 9.29 6.01
N SER A 291 -3.61 10.55 5.77
CA SER A 291 -2.69 11.62 5.37
C SER A 291 -1.62 11.91 6.40
N LEU A 292 -1.94 11.67 7.67
CA LEU A 292 -0.98 11.85 8.77
C LEU A 292 0.05 10.74 8.82
N VAL A 293 -0.40 9.48 8.82
CA VAL A 293 0.52 8.33 8.70
C VAL A 293 1.41 8.51 7.48
N ALA A 294 0.82 8.91 6.35
CA ALA A 294 1.54 9.19 5.12
C ALA A 294 2.70 10.18 5.32
N VAL A 295 2.43 11.32 5.94
CA VAL A 295 3.48 12.33 6.16
C VAL A 295 4.57 11.85 7.16
N LEU A 296 4.16 11.10 8.19
CA LEU A 296 5.09 10.46 9.11
C LEU A 296 6.08 9.52 8.38
N VAL A 297 5.61 8.84 7.33
CA VAL A 297 6.49 8.02 6.51
C VAL A 297 7.40 8.88 5.63
N LEU A 298 6.83 9.94 5.04
CA LEU A 298 7.59 10.86 4.20
C LEU A 298 8.79 11.48 4.94
N GLU A 299 8.60 11.70 6.25
CA GLU A 299 9.57 12.42 7.08
C GLU A 299 10.64 11.49 7.69
N SER A 300 10.51 10.19 7.41
CA SER A 300 11.48 9.19 7.88
C SER A 300 12.09 8.42 6.69
N THR A 301 13.27 7.84 6.88
CA THR A 301 13.86 7.01 5.84
C THR A 301 13.37 5.58 6.03
N GLY A 302 12.92 4.95 4.97
CA GLY A 302 12.37 3.61 5.11
C GLY A 302 10.86 3.72 5.33
N THR A 303 10.21 2.59 5.38
CA THR A 303 8.77 2.54 5.27
C THR A 303 8.12 2.26 6.64
N GLN A 304 8.92 1.75 7.57
CA GLN A 304 8.44 1.22 8.83
C GLN A 304 9.27 1.81 9.98
N GLU A 305 9.83 2.98 9.74
CA GLU A 305 10.75 3.62 10.70
C GLU A 305 10.14 4.88 11.30
N TRP A 306 8.81 4.95 11.30
CA TRP A 306 8.07 6.04 11.92
C TRP A 306 7.51 5.61 13.30
N GLN A 307 7.02 6.59 13.97
CA GLN A 307 6.57 6.26 15.30
C GLN A 307 5.15 6.73 15.52
N TRP A 308 4.55 6.31 16.60
CA TRP A 308 3.19 6.66 17.05
C TRP A 308 3.25 7.23 18.43
N ASP A 309 2.38 8.18 18.68
CA ASP A 309 2.49 9.20 19.77
C ASP A 309 1.25 10.05 19.72
N TYR A 310 0.18 9.35 20.12
CA TYR A 310 -1.16 9.93 20.15
C TYR A 310 -1.29 11.35 20.58
N GLU A 311 -0.36 11.94 21.30
CA GLU A 311 -0.29 13.39 21.59
C GLU A 311 0.12 14.27 20.38
N ALA A 312 1.24 13.94 19.72
CA ALA A 312 1.70 14.67 18.54
C ALA A 312 0.75 14.51 17.34
N ALA A 313 0.04 13.40 17.30
CA ALA A 313 -0.93 13.09 16.25
C ALA A 313 -2.11 14.06 16.27
N ALA A 314 -2.68 14.26 17.46
CA ALA A 314 -3.79 15.18 17.69
C ALA A 314 -3.42 16.62 17.29
N SER A 315 -2.24 17.03 17.76
CA SER A 315 -1.69 18.36 17.49
C SER A 315 -1.58 18.66 15.99
N ARG A 316 -0.98 17.72 15.25
CA ARG A 316 -0.79 17.86 13.79
C ARG A 316 -2.09 17.84 13.01
N LEU A 317 -3.00 16.95 13.41
CA LEU A 317 -4.29 16.82 12.76
C LEU A 317 -5.09 18.11 12.92
N ALA A 318 -5.07 18.66 14.14
CA ALA A 318 -5.68 19.97 14.44
C ALA A 318 -5.12 21.09 13.55
N GLY A 319 -3.80 21.18 13.46
CA GLY A 319 -3.14 22.18 12.62
C GLY A 319 -3.48 22.14 11.15
N ALA A 320 -3.80 20.96 10.62
CA ALA A 320 -4.08 20.82 9.18
C ALA A 320 -5.57 20.79 8.84
N TYR A 321 -6.38 20.25 9.74
CA TYR A 321 -7.79 19.97 9.43
C TYR A 321 -8.78 20.59 10.42
N GLY A 322 -8.27 21.21 11.47
CA GLY A 322 -9.14 21.78 12.51
C GLY A 322 -9.37 20.80 13.63
N GLU A 323 -9.75 21.33 14.79
CA GLU A 323 -9.76 20.55 16.02
C GLU A 323 -10.96 19.61 16.16
N HIS A 324 -11.96 19.75 15.28
CA HIS A 324 -13.05 18.79 15.21
C HIS A 324 -12.55 17.47 14.63
N ALA A 325 -11.88 17.56 13.48
CA ALA A 325 -11.21 16.42 12.86
C ALA A 325 -10.30 15.71 13.87
N ALA A 326 -9.38 16.46 14.48
CA ALA A 326 -8.40 15.91 15.42
C ALA A 326 -9.06 15.10 16.53
N ALA A 327 -10.07 15.68 17.17
CA ALA A 327 -10.74 15.06 18.31
C ALA A 327 -11.52 13.80 17.92
N GLU A 328 -12.13 13.85 16.73
CA GLU A 328 -12.89 12.72 16.19
C GLU A 328 -11.99 11.51 15.89
N ILE A 329 -10.81 11.77 15.34
CA ILE A 329 -9.87 10.71 14.93
C ILE A 329 -9.18 10.05 16.14
N VAL A 330 -8.60 10.88 17.01
CA VAL A 330 -7.87 10.41 18.21
C VAL A 330 -8.75 9.54 19.10
N ALA A 331 -10.02 9.90 19.21
CA ALA A 331 -11.00 9.19 20.05
C ALA A 331 -11.17 7.71 19.68
N VAL A 332 -11.38 7.43 18.39
CA VAL A 332 -11.70 6.07 17.96
C VAL A 332 -10.43 5.24 17.73
N LEU A 333 -9.67 5.06 18.82
CA LEU A 333 -8.33 4.46 18.77
C LEU A 333 -7.83 4.07 20.17
N ALA A 334 -6.59 3.60 20.21
CA ALA A 334 -5.76 3.63 21.42
C ALA A 334 -4.47 4.37 21.11
O5' ADN B . 5.11 0.70 -1.57
C5' ADN B . 6.34 0.41 -0.86
C4' ADN B . 7.25 -0.46 -1.72
O4' ADN B . 6.54 -1.46 -2.45
C3' ADN B . 8.52 -1.12 -1.13
O3' ADN B . 8.56 -1.47 0.27
C2' ADN B . 8.74 -2.35 -1.99
O2' ADN B . 9.26 -3.44 -1.22
C1' ADN B . 7.36 -2.64 -2.56
N9 ADN B . 7.45 -2.79 -4.01
C8 ADN B . 7.99 -1.92 -4.89
N7 ADN B . 7.85 -2.38 -6.15
C5 ADN B . 7.22 -3.54 -6.04
C6 ADN B . 6.75 -4.54 -6.97
N6 ADN B . 6.96 -4.34 -8.27
N1 ADN B . 6.11 -5.62 -6.47
C2 ADN B . 5.88 -5.82 -5.17
N3 ADN B . 6.27 -4.94 -4.24
C4 ADN B . 6.93 -3.81 -4.64
#